data_1M5N
#
_entry.id   1M5N
#
_cell.length_a   92.792
_cell.length_b   105.447
_cell.length_c   146.738
_cell.angle_alpha   90.00
_cell.angle_beta   90.00
_cell.angle_gamma   90.00
#
_symmetry.space_group_name_H-M   'C 2 2 21'
#
loop_
_entity.id
_entity.type
_entity.pdbx_description
1 polymer 'Importin beta-1 subunit'
2 polymer 'Parathyroid hormone-related protein'
3 water water
#
loop_
_entity_poly.entity_id
_entity_poly.type
_entity_poly.pdbx_seq_one_letter_code
_entity_poly.pdbx_strand_id
1 'polypeptide(L)'
;MELITILEKTVSPDRLELEAAQKFLERAAVENLPTFLVELSRVLANPGNSQVARVAAGLQIKNSLTSKDPDIKAQYQQRW
LAIDANARREVKNYVLQTLGTETYRPSSASQCVAGIACAEIPVNQWPELIPQLVANVTNPNSTEHMKESTLEAIGYICQD
IDPEQLQDKSNEILTAIIQGMRKEEPSNNVKLAATNALLNSLEFTKANFDKESERHFIMQVVCEATQCPDTRVRVAALQN
LVKIMSLYYQYMETYMGPALFAITIEAMKSDIDEVALQGIEFWSNVCDEEMDLAIEASEAAEQGRPPEHTSKFYAKGALQ
YLVPILTQTLTKQDENDDDDDWNPCKAAGVCLMLLATCCEDDIVPHVLPFIKEHIKNPDWRYRDAAVMAFGCILEGPEPS
QLKPLVIQAMPTLIELMKDPSVVVRDTAAWTVGRICELLPEAAINDVYLAPLLQCLIEGLSAEPRVASNVCWAFSSLAEA
AYEAA
;
S
2 'polypeptide(L)' YLTQETNKVETYKEQPLKTPGKKKKGKP Q
#
# COMPACT_ATOMS: atom_id res chain seq x y z
N MET A 1 29.04 21.06 -31.90
CA MET A 1 28.23 21.47 -30.75
C MET A 1 29.01 21.30 -29.45
N GLU A 2 28.54 22.01 -28.41
CA GLU A 2 29.09 21.97 -27.06
C GLU A 2 28.07 21.38 -26.08
N LEU A 3 28.50 20.36 -25.33
CA LEU A 3 27.62 19.52 -24.51
C LEU A 3 27.46 20.08 -23.10
N ILE A 4 26.40 20.82 -22.93
CA ILE A 4 25.80 21.36 -21.72
C ILE A 4 24.45 22.02 -22.05
N THR A 5 24.55 23.15 -22.73
CA THR A 5 23.35 23.85 -23.15
C THR A 5 22.40 22.91 -23.88
N ILE A 6 22.91 21.81 -24.44
CA ILE A 6 22.07 20.85 -25.15
C ILE A 6 21.24 20.06 -24.15
N LEU A 7 21.91 19.57 -23.11
CA LEU A 7 21.23 18.81 -22.07
C LEU A 7 20.20 19.76 -21.54
N GLU A 8 20.59 21.03 -21.42
CA GLU A 8 19.66 22.05 -20.94
C GLU A 8 18.41 21.95 -21.82
N LYS A 9 18.62 21.61 -23.10
CA LYS A 9 17.54 21.46 -24.06
C LYS A 9 17.12 20.00 -24.20
N THR A 10 17.89 19.10 -23.63
CA THR A 10 17.56 17.68 -23.71
C THR A 10 16.29 17.30 -22.94
N VAL A 11 15.73 18.30 -22.25
CA VAL A 11 14.55 18.11 -21.43
C VAL A 11 13.73 19.40 -21.38
N SER A 12 14.07 20.36 -22.23
CA SER A 12 13.40 21.67 -22.28
C SER A 12 11.88 21.57 -22.24
N PRO A 13 11.22 22.71 -22.00
CA PRO A 13 9.76 22.75 -21.92
C PRO A 13 9.02 22.59 -23.25
N ASP A 14 9.72 22.73 -24.38
CA ASP A 14 9.08 22.56 -25.69
C ASP A 14 9.32 21.21 -26.38
N ARG A 15 8.25 20.61 -26.87
CA ARG A 15 8.30 19.30 -27.49
C ARG A 15 9.12 19.17 -28.76
N LEU A 16 9.66 20.28 -29.28
CA LEU A 16 10.44 20.18 -30.51
C LEU A 16 11.93 20.46 -30.28
N GLU A 17 12.22 21.42 -29.40
CA GLU A 17 13.59 21.74 -29.08
C GLU A 17 14.19 20.49 -28.47
N LEU A 18 13.43 19.90 -27.55
CA LEU A 18 13.82 18.69 -26.85
C LEU A 18 13.85 17.53 -27.82
N GLU A 19 12.69 17.16 -28.35
CA GLU A 19 12.62 16.05 -29.29
C GLU A 19 13.80 16.08 -30.24
N ALA A 20 14.35 17.28 -30.46
CA ALA A 20 15.49 17.49 -31.34
C ALA A 20 16.74 16.87 -30.73
N ALA A 21 17.30 17.59 -29.75
CA ALA A 21 18.51 17.15 -29.04
C ALA A 21 18.34 15.81 -28.31
N GLN A 22 17.10 15.37 -28.17
CA GLN A 22 16.80 14.11 -27.52
C GLN A 22 17.30 12.98 -28.41
N LYS A 23 17.43 13.27 -29.69
CA LYS A 23 17.89 12.29 -30.69
C LYS A 23 19.34 12.58 -31.09
N PHE A 24 19.64 13.85 -31.34
CA PHE A 24 20.99 14.29 -31.70
C PHE A 24 21.94 13.59 -30.74
N LEU A 25 21.65 13.71 -29.45
CA LEU A 25 22.48 13.09 -28.43
C LEU A 25 22.01 11.65 -28.19
N GLU A 26 21.59 10.98 -29.27
CA GLU A 26 21.14 9.60 -29.20
C GLU A 26 21.89 8.88 -30.31
N ARG A 27 22.47 9.67 -31.21
CA ARG A 27 23.25 9.14 -32.32
C ARG A 27 24.54 8.58 -31.73
N ALA A 28 24.98 9.19 -30.62
CA ALA A 28 26.18 8.78 -29.92
C ALA A 28 25.85 7.70 -28.89
N ALA A 29 24.70 7.05 -29.08
CA ALA A 29 24.30 5.97 -28.20
C ALA A 29 24.93 4.75 -28.86
N VAL A 30 24.46 4.46 -30.06
CA VAL A 30 24.91 3.33 -30.83
C VAL A 30 26.19 3.55 -31.66
N GLU A 31 26.63 4.81 -31.73
CA GLU A 31 27.83 5.21 -32.48
C GLU A 31 28.87 5.90 -31.55
N ASN A 32 28.69 5.74 -30.24
CA ASN A 32 29.61 6.37 -29.28
C ASN A 32 29.41 5.78 -27.87
N LEU A 33 28.43 4.87 -27.76
CA LEU A 33 28.06 4.18 -26.51
C LEU A 33 28.94 4.56 -25.31
N PRO A 34 30.22 4.18 -25.34
CA PRO A 34 31.12 4.50 -24.23
C PRO A 34 31.36 5.99 -24.05
N THR A 35 32.36 6.49 -24.79
CA THR A 35 32.80 7.89 -24.77
C THR A 35 31.81 8.91 -24.21
N PHE A 36 30.54 8.70 -24.48
CA PHE A 36 29.49 9.60 -24.01
C PHE A 36 29.31 9.55 -22.50
N LEU A 37 28.60 8.51 -22.05
CA LEU A 37 28.31 8.30 -20.63
C LEU A 37 29.28 9.07 -19.74
N VAL A 38 30.57 8.78 -19.89
CA VAL A 38 31.60 9.46 -19.11
C VAL A 38 31.41 10.96 -19.15
N GLU A 39 31.42 11.54 -20.36
CA GLU A 39 31.27 12.99 -20.55
C GLU A 39 30.33 13.59 -19.52
N LEU A 40 29.18 12.95 -19.38
CA LEU A 40 28.17 13.39 -18.42
C LEU A 40 28.61 13.11 -17.00
N SER A 41 29.00 11.88 -16.73
CA SER A 41 29.45 11.44 -15.41
C SER A 41 30.25 12.51 -14.68
N ARG A 42 30.94 13.37 -15.43
CA ARG A 42 31.70 14.44 -14.79
C ARG A 42 30.86 15.70 -14.66
N VAL A 43 30.14 16.07 -15.72
CA VAL A 43 29.29 17.26 -15.66
C VAL A 43 28.21 17.05 -14.60
N LEU A 44 27.85 15.80 -14.36
CA LEU A 44 26.86 15.48 -13.35
C LEU A 44 27.48 15.74 -11.99
N ALA A 45 28.80 15.68 -11.94
CA ALA A 45 29.56 15.90 -10.72
C ALA A 45 29.81 17.38 -10.40
N ASN A 46 30.61 18.04 -11.22
CA ASN A 46 30.96 19.46 -10.99
C ASN A 46 29.79 20.42 -10.79
N PRO A 47 29.43 20.70 -9.52
CA PRO A 47 28.35 21.60 -9.04
C PRO A 47 28.13 22.91 -9.81
N GLY A 48 29.17 23.38 -10.49
CA GLY A 48 29.04 24.61 -11.25
C GLY A 48 27.88 24.52 -12.22
N ASN A 49 27.74 23.37 -12.88
CA ASN A 49 26.68 23.13 -13.85
C ASN A 49 25.30 23.46 -13.31
N SER A 50 24.54 24.21 -14.10
CA SER A 50 23.19 24.61 -13.74
C SER A 50 22.37 23.36 -13.44
N GLN A 51 21.19 23.54 -12.84
CA GLN A 51 20.33 22.41 -12.50
C GLN A 51 20.12 21.45 -13.66
N VAL A 52 19.36 21.89 -14.66
CA VAL A 52 19.04 21.09 -15.84
C VAL A 52 20.17 20.16 -16.29
N ALA A 53 21.32 20.74 -16.65
CA ALA A 53 22.46 19.94 -17.10
C ALA A 53 22.62 18.71 -16.22
N ARG A 54 22.83 18.96 -14.93
CA ARG A 54 23.01 17.91 -13.94
C ARG A 54 21.81 16.97 -13.91
N VAL A 55 20.66 17.50 -13.55
CA VAL A 55 19.43 16.71 -13.50
C VAL A 55 19.30 15.82 -14.74
N ALA A 56 19.38 16.48 -15.90
CA ALA A 56 19.26 15.84 -17.21
C ALA A 56 20.37 14.86 -17.44
N ALA A 57 21.49 15.11 -16.80
CA ALA A 57 22.64 14.23 -16.93
C ALA A 57 22.26 12.80 -16.54
N GLY A 58 22.13 12.55 -15.23
CA GLY A 58 21.78 11.22 -14.79
C GLY A 58 20.56 10.68 -15.50
N LEU A 59 19.67 11.58 -15.90
CA LEU A 59 18.45 11.17 -16.58
C LEU A 59 18.82 10.37 -17.82
N GLN A 60 19.84 10.82 -18.54
CA GLN A 60 20.26 10.11 -19.73
C GLN A 60 20.96 8.82 -19.36
N ILE A 61 21.91 8.90 -18.44
CA ILE A 61 22.64 7.71 -17.99
C ILE A 61 21.64 6.74 -17.38
N LYS A 62 20.74 7.24 -16.54
CA LYS A 62 19.72 6.39 -15.94
C LYS A 62 18.95 5.71 -17.07
N ASN A 63 18.40 6.54 -17.95
CA ASN A 63 17.60 6.09 -19.09
C ASN A 63 18.29 4.92 -19.75
N SER A 64 19.44 5.21 -20.35
CA SER A 64 20.20 4.17 -21.03
C SER A 64 21.01 3.31 -20.10
N LEU A 65 20.32 2.46 -19.35
CA LEU A 65 20.92 1.47 -18.47
C LEU A 65 19.80 0.51 -18.09
N THR A 66 18.60 1.03 -17.91
CA THR A 66 17.44 0.23 -17.49
C THR A 66 16.15 0.46 -18.32
N SER A 67 15.07 -0.26 -17.95
CA SER A 67 13.76 -0.12 -18.60
C SER A 67 12.59 -0.40 -17.66
N LYS A 68 11.43 0.16 -18.00
CA LYS A 68 10.23 -0.04 -17.19
C LYS A 68 9.78 -1.50 -17.35
N ASP A 69 9.25 -1.80 -18.53
CA ASP A 69 8.76 -3.13 -18.87
C ASP A 69 9.78 -4.22 -18.52
N PRO A 70 9.40 -5.14 -17.61
CA PRO A 70 10.29 -6.24 -17.20
C PRO A 70 10.90 -6.98 -18.38
N ASP A 71 10.44 -6.64 -19.58
CA ASP A 71 10.92 -7.25 -20.82
C ASP A 71 12.25 -6.65 -21.26
N ILE A 72 12.18 -5.57 -22.04
CA ILE A 72 13.35 -4.91 -22.57
C ILE A 72 14.47 -4.77 -21.55
N LYS A 73 14.09 -4.73 -20.27
CA LYS A 73 15.06 -4.60 -19.18
C LYS A 73 16.24 -5.56 -19.33
N ALA A 74 15.92 -6.82 -19.62
CA ALA A 74 16.95 -7.81 -19.82
C ALA A 74 17.98 -7.24 -20.80
N GLN A 75 17.49 -6.77 -21.94
CA GLN A 75 18.34 -6.20 -22.99
C GLN A 75 19.22 -5.04 -22.55
N TYR A 76 18.58 -3.92 -22.18
CA TYR A 76 19.33 -2.74 -21.76
C TYR A 76 20.21 -2.99 -20.54
N GLN A 77 20.14 -4.21 -20.01
CA GLN A 77 20.92 -4.57 -18.83
C GLN A 77 22.33 -5.02 -19.22
N GLN A 78 22.42 -6.13 -19.96
CA GLN A 78 23.70 -6.66 -20.41
C GLN A 78 24.52 -5.58 -21.11
N ARG A 79 23.85 -4.48 -21.41
CA ARG A 79 24.48 -3.34 -22.07
C ARG A 79 25.78 -2.89 -21.41
N TRP A 80 25.65 -2.20 -20.28
CA TRP A 80 26.77 -1.69 -19.50
C TRP A 80 27.64 -2.84 -18.98
N LEU A 81 27.09 -4.05 -19.10
CA LEU A 81 27.79 -5.25 -18.67
C LEU A 81 28.92 -5.54 -19.67
N ALA A 82 28.55 -5.91 -20.90
CA ALA A 82 29.51 -6.22 -21.96
C ALA A 82 30.36 -5.01 -22.36
N ILE A 83 30.46 -4.02 -21.47
CA ILE A 83 31.21 -2.82 -21.75
C ILE A 83 32.68 -2.93 -21.34
N ASP A 84 33.45 -1.90 -21.68
CA ASP A 84 34.88 -1.86 -21.36
C ASP A 84 35.14 -1.46 -19.91
N ALA A 85 35.92 -2.30 -19.22
CA ALA A 85 36.27 -2.07 -17.84
C ALA A 85 37.21 -0.86 -17.71
N ASN A 86 37.12 0.08 -18.66
CA ASN A 86 37.96 1.27 -18.62
C ASN A 86 37.19 2.45 -18.05
N ALA A 87 36.12 2.83 -18.76
CA ALA A 87 35.29 3.96 -18.35
C ALA A 87 34.34 3.63 -17.19
N ARG A 88 33.87 2.37 -17.11
CA ARG A 88 32.95 1.97 -16.04
C ARG A 88 33.54 2.38 -14.69
N ARG A 89 34.72 1.84 -14.41
CA ARG A 89 35.44 2.11 -13.17
C ARG A 89 35.60 3.63 -13.02
N GLU A 90 35.42 4.34 -14.11
CA GLU A 90 35.54 5.80 -14.12
C GLU A 90 34.24 6.46 -13.72
N VAL A 91 33.16 6.08 -14.41
CA VAL A 91 31.85 6.63 -14.12
C VAL A 91 31.49 6.30 -12.67
N LYS A 92 31.65 5.04 -12.30
CA LYS A 92 31.33 4.60 -10.94
C LYS A 92 31.99 5.45 -9.86
N ASN A 93 32.84 6.40 -10.25
CA ASN A 93 33.53 7.24 -9.27
C ASN A 93 33.08 8.70 -9.35
N TYR A 94 32.86 9.19 -10.57
CA TYR A 94 32.39 10.55 -10.79
C TYR A 94 30.95 10.67 -10.27
N VAL A 95 30.38 9.55 -9.84
CA VAL A 95 29.01 9.52 -9.35
C VAL A 95 28.93 9.31 -7.84
N LEU A 96 29.74 8.40 -7.33
CA LEU A 96 29.73 8.12 -5.90
C LEU A 96 30.22 9.35 -5.13
N GLN A 97 30.57 10.41 -5.86
CA GLN A 97 31.04 11.64 -5.25
C GLN A 97 30.16 12.82 -5.64
N THR A 98 29.14 12.52 -6.44
CA THR A 98 28.21 13.55 -6.90
C THR A 98 27.25 13.88 -5.77
N LEU A 99 26.94 12.87 -4.95
CA LEU A 99 26.03 13.02 -3.82
C LEU A 99 26.68 13.93 -2.79
N GLY A 100 25.90 14.86 -2.24
CA GLY A 100 26.43 15.79 -1.24
C GLY A 100 26.78 17.14 -1.84
N THR A 101 26.57 17.24 -3.14
CA THR A 101 26.84 18.47 -3.88
C THR A 101 25.66 18.80 -4.79
N GLU A 102 24.64 17.95 -4.76
CA GLU A 102 23.44 18.19 -5.55
C GLU A 102 22.46 18.92 -4.66
N THR A 103 21.98 20.08 -5.11
CA THR A 103 21.05 20.89 -4.34
C THR A 103 19.60 20.46 -4.52
N TYR A 104 19.26 19.95 -5.71
CA TYR A 104 17.89 19.53 -6.01
C TYR A 104 17.39 18.47 -5.01
N ARG A 105 16.19 17.96 -5.25
CA ARG A 105 15.62 16.98 -4.33
C ARG A 105 15.90 15.49 -4.62
N PRO A 106 15.07 14.82 -5.45
CA PRO A 106 15.31 13.39 -5.74
C PRO A 106 16.65 13.05 -6.41
N SER A 107 17.66 13.92 -6.22
CA SER A 107 19.00 13.78 -6.86
C SER A 107 19.16 12.62 -7.82
N SER A 108 19.41 13.01 -9.08
CA SER A 108 19.59 12.08 -10.20
C SER A 108 20.58 10.94 -9.93
N ALA A 109 21.67 11.32 -9.27
CA ALA A 109 22.74 10.41 -8.89
C ALA A 109 22.22 9.11 -8.33
N SER A 110 21.33 9.20 -7.36
CA SER A 110 20.76 8.00 -6.77
C SER A 110 20.25 7.07 -7.87
N GLN A 111 19.58 7.66 -8.84
CA GLN A 111 18.98 6.99 -10.00
C GLN A 111 19.90 6.06 -10.75
N CYS A 112 20.93 6.67 -11.32
CA CYS A 112 21.91 5.95 -12.11
C CYS A 112 22.61 4.90 -11.26
N VAL A 113 23.06 5.30 -10.09
CA VAL A 113 23.75 4.36 -9.21
C VAL A 113 22.99 3.02 -9.16
N ALA A 114 21.70 3.12 -8.86
CA ALA A 114 20.82 1.95 -8.77
C ALA A 114 20.75 1.23 -10.11
N GLY A 115 20.67 2.00 -11.18
CA GLY A 115 20.60 1.42 -12.50
C GLY A 115 21.80 0.52 -12.78
N ILE A 116 22.99 1.09 -12.64
CA ILE A 116 24.19 0.31 -12.87
C ILE A 116 24.15 -0.85 -11.88
N ALA A 117 23.71 -0.54 -10.68
CA ALA A 117 23.61 -1.50 -9.57
C ALA A 117 23.03 -2.89 -9.86
N CYS A 118 21.87 -2.95 -10.49
CA CYS A 118 21.25 -4.25 -10.76
C CYS A 118 22.05 -5.15 -11.71
N ALA A 119 23.21 -4.69 -12.16
CA ALA A 119 24.04 -5.47 -13.07
C ALA A 119 25.48 -5.70 -12.59
N GLU A 120 26.03 -4.73 -11.85
CA GLU A 120 27.39 -4.81 -11.33
C GLU A 120 27.50 -5.68 -10.08
N ILE A 121 26.46 -6.45 -9.81
CA ILE A 121 26.44 -7.31 -8.65
C ILE A 121 25.79 -8.69 -8.87
N PRO A 122 24.78 -8.78 -9.75
CA PRO A 122 24.17 -10.09 -9.98
C PRO A 122 25.18 -11.13 -10.43
N VAL A 123 26.44 -10.72 -10.52
CA VAL A 123 27.55 -11.58 -10.93
C VAL A 123 28.71 -11.35 -9.97
N ASN A 124 28.72 -10.10 -9.50
CA ASN A 124 29.68 -9.44 -8.59
C ASN A 124 30.85 -8.80 -9.32
N GLN A 125 30.53 -7.61 -9.84
CA GLN A 125 31.48 -6.79 -10.58
C GLN A 125 31.65 -5.46 -9.86
N TRP A 126 30.79 -5.19 -8.87
CA TRP A 126 30.91 -3.96 -8.08
C TRP A 126 30.74 -4.21 -6.57
N PRO A 127 31.57 -5.12 -6.01
CA PRO A 127 31.54 -5.49 -4.59
C PRO A 127 32.28 -4.51 -3.65
N GLU A 128 32.27 -3.23 -4.01
CA GLU A 128 32.93 -2.19 -3.21
C GLU A 128 31.89 -1.10 -2.95
N LEU A 129 30.70 -1.33 -3.49
CA LEU A 129 29.59 -0.41 -3.38
C LEU A 129 29.09 -0.35 -1.94
N ILE A 130 28.35 -1.39 -1.57
CA ILE A 130 27.76 -1.51 -0.24
C ILE A 130 28.60 -0.93 0.90
N PRO A 131 29.93 -1.20 0.93
CA PRO A 131 30.72 -0.62 2.03
C PRO A 131 30.82 0.90 1.95
N GLN A 132 30.84 1.41 0.71
CA GLN A 132 30.93 2.84 0.44
C GLN A 132 29.69 3.60 0.89
N LEU A 133 28.52 3.13 0.50
CA LEU A 133 27.29 3.81 0.92
C LEU A 133 27.23 3.76 2.44
N VAL A 134 27.40 2.57 3.01
CA VAL A 134 27.38 2.39 4.46
C VAL A 134 28.10 3.57 5.12
N ALA A 135 29.29 3.89 4.59
CA ALA A 135 30.11 4.99 5.08
C ALA A 135 29.43 6.35 4.99
N ASN A 136 28.50 6.48 4.05
CA ASN A 136 27.80 7.75 3.86
C ASN A 136 26.88 8.11 5.03
N VAL A 137 26.20 7.12 5.57
CA VAL A 137 25.27 7.34 6.68
C VAL A 137 25.86 7.13 8.08
N THR A 138 26.57 6.02 8.27
CA THR A 138 27.16 5.69 9.56
C THR A 138 28.25 6.69 9.96
N ASN A 139 28.59 7.57 9.06
CA ASN A 139 29.62 8.58 9.31
C ASN A 139 28.98 9.93 9.64
N PRO A 140 29.02 10.32 10.93
CA PRO A 140 28.48 11.54 11.54
C PRO A 140 28.81 12.88 10.87
N ASN A 141 29.90 12.92 10.11
CA ASN A 141 30.32 14.13 9.39
C ASN A 141 29.90 14.01 7.91
N SER A 142 28.59 14.10 7.64
CA SER A 142 28.07 13.99 6.29
C SER A 142 26.85 14.90 6.09
N THR A 143 26.80 15.56 4.93
CA THR A 143 25.73 16.49 4.59
C THR A 143 24.33 15.88 4.71
N GLU A 144 23.34 16.74 4.92
CA GLU A 144 21.94 16.30 5.01
C GLU A 144 21.61 15.54 3.73
N HIS A 145 22.34 15.88 2.66
CA HIS A 145 22.19 15.27 1.34
C HIS A 145 23.10 14.06 1.28
N MET A 146 24.37 14.29 1.58
CA MET A 146 25.36 13.23 1.55
C MET A 146 24.72 11.96 2.07
N LYS A 147 23.86 12.13 3.06
CA LYS A 147 23.17 11.00 3.66
C LYS A 147 21.94 10.64 2.87
N GLU A 148 21.03 11.61 2.71
CA GLU A 148 19.80 11.38 1.98
C GLU A 148 20.09 10.71 0.65
N SER A 149 20.72 11.47 -0.24
CA SER A 149 21.09 11.00 -1.57
C SER A 149 21.46 9.52 -1.52
N THR A 150 22.34 9.18 -0.61
CA THR A 150 22.78 7.80 -0.48
C THR A 150 21.59 6.86 -0.40
N LEU A 151 20.96 6.83 0.77
CA LEU A 151 19.80 5.97 0.99
C LEU A 151 18.98 5.78 -0.27
N GLU A 152 18.54 6.92 -0.83
CA GLU A 152 17.75 6.92 -2.07
C GLU A 152 18.25 5.81 -2.98
N ALA A 153 19.57 5.68 -3.10
CA ALA A 153 20.15 4.64 -3.94
C ALA A 153 19.78 3.27 -3.42
N ILE A 154 20.21 3.01 -2.19
CA ILE A 154 19.96 1.73 -1.54
C ILE A 154 18.52 1.25 -1.79
N GLY A 155 17.58 2.20 -1.70
CA GLY A 155 16.18 1.88 -1.90
C GLY A 155 15.78 1.36 -3.27
N TYR A 156 16.29 2.03 -4.32
CA TYR A 156 16.01 1.63 -5.69
C TYR A 156 16.59 0.25 -5.93
N ILE A 157 17.80 0.04 -5.43
CA ILE A 157 18.50 -1.23 -5.59
C ILE A 157 17.63 -2.42 -5.18
N CYS A 158 16.88 -2.25 -4.10
CA CYS A 158 16.02 -3.31 -3.58
C CYS A 158 14.75 -3.45 -4.44
N GLN A 159 14.16 -2.31 -4.77
CA GLN A 159 12.94 -2.24 -5.57
C GLN A 159 13.09 -2.79 -6.99
N ASP A 160 14.30 -3.19 -7.37
CA ASP A 160 14.52 -3.68 -8.73
C ASP A 160 15.10 -5.08 -8.90
N ILE A 161 15.46 -5.75 -7.81
CA ILE A 161 16.00 -7.11 -7.91
C ILE A 161 15.06 -8.13 -7.30
N ASP A 162 15.28 -9.40 -7.64
CA ASP A 162 14.49 -10.49 -7.10
C ASP A 162 15.11 -10.74 -5.74
N PRO A 163 14.35 -11.34 -4.80
CA PRO A 163 14.95 -11.59 -3.48
C PRO A 163 16.37 -12.16 -3.63
N GLU A 164 16.47 -13.30 -4.31
CA GLU A 164 17.76 -13.94 -4.53
C GLU A 164 18.79 -13.13 -5.30
N GLN A 165 19.65 -12.47 -4.53
CA GLN A 165 20.82 -11.68 -4.96
C GLN A 165 21.18 -10.79 -3.80
N LEU A 166 20.16 -10.27 -3.12
CA LEU A 166 20.37 -9.42 -1.98
C LEU A 166 20.25 -10.12 -0.65
N GLN A 167 20.04 -11.42 -0.64
CA GLN A 167 19.83 -12.05 0.65
C GLN A 167 21.04 -12.13 1.57
N ASP A 168 22.22 -11.91 1.01
CA ASP A 168 23.42 -11.99 1.82
C ASP A 168 24.17 -10.67 1.94
N LYS A 169 23.47 -9.59 1.62
CA LYS A 169 23.99 -8.24 1.72
C LYS A 169 23.29 -7.52 2.90
N SER A 170 22.19 -8.12 3.33
CA SER A 170 21.36 -7.64 4.42
C SER A 170 22.12 -6.98 5.53
N ASN A 171 22.79 -7.79 6.35
CA ASN A 171 23.59 -7.28 7.46
C ASN A 171 24.26 -5.99 7.02
N GLU A 172 25.05 -6.09 5.95
CA GLU A 172 25.78 -4.95 5.43
C GLU A 172 24.86 -3.76 5.08
N ILE A 173 23.79 -4.02 4.34
CA ILE A 173 22.84 -2.96 3.93
C ILE A 173 22.03 -2.40 5.08
N LEU A 174 21.13 -3.23 5.61
CA LEU A 174 20.27 -2.85 6.73
C LEU A 174 20.94 -1.95 7.73
N THR A 175 22.12 -2.37 8.19
CA THR A 175 22.89 -1.63 9.17
C THR A 175 22.87 -0.15 8.87
N ALA A 176 22.82 0.18 7.58
CA ALA A 176 22.81 1.59 7.14
C ALA A 176 21.41 2.17 7.16
N ILE A 177 20.48 1.46 6.51
CA ILE A 177 19.08 1.87 6.42
C ILE A 177 18.61 2.40 7.77
N ILE A 178 18.62 1.52 8.76
CA ILE A 178 18.20 1.84 10.10
C ILE A 178 18.92 3.04 10.69
N GLN A 179 20.18 3.21 10.34
CA GLN A 179 20.94 4.33 10.87
C GLN A 179 20.31 5.66 10.44
N GLY A 180 19.59 5.63 9.32
CA GLY A 180 18.98 6.84 8.82
C GLY A 180 17.69 7.14 9.53
N MET A 181 17.10 6.11 10.13
CA MET A 181 15.84 6.24 10.84
C MET A 181 15.95 6.56 12.34
N ARG A 182 17.12 6.33 12.93
CA ARG A 182 17.30 6.59 14.35
C ARG A 182 16.62 7.89 14.77
N LYS A 183 16.28 7.98 16.04
CA LYS A 183 15.61 9.16 16.57
C LYS A 183 16.53 10.37 16.71
N GLU A 184 17.76 10.14 17.16
CA GLU A 184 18.72 11.24 17.35
C GLU A 184 19.08 11.91 16.04
N GLU A 185 18.81 11.22 14.93
CA GLU A 185 19.09 11.73 13.59
C GLU A 185 18.33 13.05 13.34
N PRO A 186 19.07 14.11 12.98
CA PRO A 186 18.62 15.48 12.68
C PRO A 186 17.55 15.71 11.62
N SER A 187 17.94 15.59 10.35
CA SER A 187 17.02 15.85 9.25
C SER A 187 16.01 14.76 8.98
N ASN A 188 14.75 15.14 8.96
CA ASN A 188 13.69 14.19 8.71
C ASN A 188 13.78 13.64 7.29
N ASN A 189 14.48 14.35 6.42
CA ASN A 189 14.63 13.93 5.02
C ASN A 189 15.49 12.69 4.93
N VAL A 190 16.42 12.55 5.85
CA VAL A 190 17.28 11.39 5.87
C VAL A 190 16.44 10.23 6.43
N LYS A 191 15.72 10.53 7.52
CA LYS A 191 14.87 9.54 8.15
C LYS A 191 13.96 8.98 7.10
N LEU A 192 13.20 9.84 6.47
CA LEU A 192 12.25 9.41 5.45
C LEU A 192 12.82 8.40 4.46
N ALA A 193 13.74 8.85 3.63
CA ALA A 193 14.38 7.97 2.66
C ALA A 193 14.54 6.60 3.29
N ALA A 194 15.35 6.54 4.34
CA ALA A 194 15.64 5.32 5.09
C ALA A 194 14.41 4.44 5.35
N THR A 195 13.36 5.05 5.89
CA THR A 195 12.16 4.30 6.18
C THR A 195 11.60 3.67 4.91
N ASN A 196 11.84 4.33 3.78
CA ASN A 196 11.39 3.81 2.51
C ASN A 196 12.25 2.62 2.16
N ALA A 197 13.57 2.82 2.14
CA ALA A 197 14.52 1.74 1.86
C ALA A 197 14.01 0.43 2.50
N LEU A 198 13.68 0.53 3.79
CA LEU A 198 13.17 -0.61 4.55
C LEU A 198 11.96 -1.25 3.85
N LEU A 199 11.03 -0.41 3.41
CA LEU A 199 9.84 -0.91 2.77
C LEU A 199 10.17 -1.82 1.61
N ASN A 200 11.24 -1.51 0.89
CA ASN A 200 11.64 -2.32 -0.24
C ASN A 200 12.52 -3.51 0.13
N SER A 201 13.09 -3.45 1.32
CA SER A 201 13.98 -4.50 1.79
C SER A 201 13.41 -5.63 2.64
N LEU A 202 12.44 -5.33 3.50
CA LEU A 202 11.87 -6.35 4.37
C LEU A 202 11.68 -7.68 3.68
N GLU A 203 11.33 -7.60 2.40
CA GLU A 203 11.05 -8.76 1.53
C GLU A 203 12.05 -9.92 1.48
N PHE A 204 13.33 -9.64 1.74
CA PHE A 204 14.35 -10.68 1.67
C PHE A 204 15.27 -10.80 2.89
N THR A 205 14.71 -10.88 4.08
CA THR A 205 15.55 -10.97 5.27
C THR A 205 15.05 -11.92 6.35
N LYS A 206 14.35 -12.98 5.94
CA LYS A 206 13.84 -13.97 6.89
C LYS A 206 14.98 -14.32 7.86
N ALA A 207 16.21 -14.26 7.36
CA ALA A 207 17.39 -14.56 8.17
C ALA A 207 17.46 -13.53 9.29
N ASN A 208 17.55 -12.26 8.90
CA ASN A 208 17.62 -11.17 9.85
C ASN A 208 16.58 -11.25 10.94
N PHE A 209 15.30 -11.23 10.61
CA PHE A 209 14.24 -11.31 11.62
C PHE A 209 14.32 -12.56 12.51
N ASP A 210 14.79 -13.66 11.93
CA ASP A 210 14.89 -14.92 12.67
C ASP A 210 15.86 -14.84 13.84
N LYS A 211 16.71 -13.81 13.84
CA LYS A 211 17.66 -13.63 14.93
C LYS A 211 17.12 -12.54 15.86
N GLU A 212 16.53 -12.96 16.96
CA GLU A 212 15.94 -12.04 17.95
C GLU A 212 16.74 -10.78 18.25
N SER A 213 18.07 -10.87 18.20
CA SER A 213 18.94 -9.73 18.48
C SER A 213 18.53 -8.57 17.61
N GLU A 214 18.50 -8.82 16.30
CA GLU A 214 18.13 -7.80 15.32
C GLU A 214 16.65 -7.44 15.36
N ARG A 215 15.79 -8.44 15.21
CA ARG A 215 14.35 -8.22 15.21
C ARG A 215 14.02 -7.18 16.26
N HIS A 216 14.16 -7.53 17.54
CA HIS A 216 13.87 -6.60 18.62
C HIS A 216 14.27 -5.23 18.18
N PHE A 217 15.51 -5.12 17.70
CA PHE A 217 16.08 -3.87 17.27
C PHE A 217 15.32 -3.20 16.13
N ILE A 218 15.06 -3.93 15.05
CA ILE A 218 14.32 -3.33 13.95
C ILE A 218 12.95 -2.76 14.38
N MET A 219 12.16 -3.59 15.05
CA MET A 219 10.84 -3.21 15.52
C MET A 219 10.88 -1.99 16.42
N GLN A 220 11.94 -1.86 17.20
CA GLN A 220 12.08 -0.73 18.10
C GLN A 220 12.20 0.53 17.26
N VAL A 221 13.13 0.49 16.32
CA VAL A 221 13.41 1.59 15.41
C VAL A 221 12.18 1.95 14.59
N VAL A 222 11.47 0.96 14.06
CA VAL A 222 10.28 1.27 13.29
C VAL A 222 9.19 1.96 14.14
N CYS A 223 8.88 1.41 15.31
CA CYS A 223 7.88 1.99 16.19
C CYS A 223 8.24 3.41 16.69
N GLU A 224 9.53 3.65 16.91
CA GLU A 224 10.02 4.94 17.36
C GLU A 224 9.71 5.98 16.30
N ALA A 225 10.01 5.59 15.06
CA ALA A 225 9.79 6.42 13.90
C ALA A 225 8.29 6.60 13.64
N THR A 226 7.49 5.80 14.33
CA THR A 226 6.05 5.89 14.20
C THR A 226 5.56 7.04 15.09
N GLN A 227 6.43 7.50 15.96
CA GLN A 227 6.12 8.60 16.87
C GLN A 227 6.81 9.89 16.42
N CYS A 228 7.38 9.88 15.21
CA CYS A 228 8.07 11.03 14.66
C CYS A 228 7.06 12.12 14.33
N PRO A 229 7.42 13.37 14.53
CA PRO A 229 6.50 14.48 14.24
C PRO A 229 6.14 14.70 12.76
N ASP A 230 7.11 14.50 11.86
CA ASP A 230 6.87 14.72 10.43
C ASP A 230 5.97 13.68 9.75
N THR A 231 4.73 14.05 9.49
CA THR A 231 3.78 13.15 8.85
C THR A 231 4.48 12.32 7.80
N ARG A 232 5.37 12.96 7.05
CA ARG A 232 6.10 12.32 5.96
C ARG A 232 6.72 10.98 6.35
N VAL A 233 7.12 10.83 7.62
CA VAL A 233 7.75 9.57 8.04
C VAL A 233 6.85 8.61 8.79
N ARG A 234 5.74 9.12 9.30
CA ARG A 234 4.82 8.24 10.02
C ARG A 234 4.18 7.26 9.05
N VAL A 235 3.78 7.78 7.88
CA VAL A 235 3.15 6.93 6.88
C VAL A 235 4.15 5.92 6.37
N ALA A 236 5.44 6.23 6.52
CA ALA A 236 6.44 5.30 6.07
C ALA A 236 6.54 4.21 7.12
N ALA A 237 6.64 4.65 8.37
CA ALA A 237 6.77 3.70 9.48
C ALA A 237 5.63 2.70 9.51
N LEU A 238 4.40 3.16 9.33
CA LEU A 238 3.27 2.25 9.36
C LEU A 238 3.29 1.27 8.19
N GLN A 239 3.63 1.77 7.01
CA GLN A 239 3.69 0.92 5.83
C GLN A 239 4.54 -0.30 6.08
N ASN A 240 5.64 -0.11 6.84
CA ASN A 240 6.55 -1.22 7.22
C ASN A 240 5.83 -2.09 8.21
N LEU A 241 5.32 -1.46 9.25
CA LEU A 241 4.60 -2.23 10.23
C LEU A 241 3.41 -2.97 9.62
N VAL A 242 3.01 -2.61 8.41
CA VAL A 242 1.89 -3.30 7.81
C VAL A 242 2.49 -4.44 7.01
N LYS A 243 3.57 -4.13 6.31
CA LYS A 243 4.19 -5.12 5.50
C LYS A 243 4.68 -6.20 6.43
N ILE A 244 5.39 -5.77 7.48
CA ILE A 244 5.95 -6.70 8.44
C ILE A 244 4.90 -7.65 8.98
N MET A 245 3.73 -7.12 9.27
CA MET A 245 2.61 -7.92 9.78
C MET A 245 2.15 -9.02 8.84
N SER A 246 2.16 -8.74 7.55
CA SER A 246 1.75 -9.73 6.58
C SER A 246 2.88 -10.71 6.38
N LEU A 247 4.09 -10.20 6.50
CA LEU A 247 5.31 -10.98 6.34
C LEU A 247 5.73 -11.86 7.53
N TYR A 248 5.76 -11.29 8.73
CA TYR A 248 6.17 -12.06 9.90
C TYR A 248 5.13 -12.14 11.00
N TYR A 249 3.95 -12.65 10.67
CA TYR A 249 2.86 -12.74 11.64
C TYR A 249 3.20 -13.51 12.93
N GLN A 250 3.96 -14.61 12.80
CA GLN A 250 4.28 -15.43 13.97
C GLN A 250 5.12 -14.73 15.03
N TYR A 251 6.15 -14.00 14.60
CA TYR A 251 6.99 -13.30 15.55
C TYR A 251 6.31 -12.11 16.21
N MET A 252 5.24 -11.60 15.65
CA MET A 252 4.63 -10.41 16.25
C MET A 252 3.97 -10.53 17.61
N GLU A 253 3.94 -11.72 18.19
CA GLU A 253 3.30 -11.92 19.50
C GLU A 253 3.95 -11.17 20.66
N THR A 254 5.25 -10.91 20.52
CA THR A 254 5.98 -10.21 21.55
C THR A 254 5.93 -8.70 21.45
N TYR A 255 5.40 -8.18 20.34
CA TYR A 255 5.32 -6.73 20.16
C TYR A 255 3.92 -6.21 20.09
N MET A 256 2.99 -7.00 19.61
CA MET A 256 1.59 -6.65 19.41
C MET A 256 1.04 -5.88 20.62
N GLY A 257 0.93 -6.50 21.78
CA GLY A 257 0.35 -5.87 22.98
C GLY A 257 1.18 -4.78 23.65
N PRO A 258 2.49 -4.95 23.88
CA PRO A 258 3.25 -3.91 24.53
C PRO A 258 3.37 -2.67 23.68
N ALA A 259 3.58 -2.86 22.36
CA ALA A 259 3.90 -1.73 21.46
C ALA A 259 2.93 -1.50 20.25
N LEU A 260 2.57 -2.55 19.51
CA LEU A 260 1.80 -2.39 18.22
C LEU A 260 0.34 -1.98 18.34
N PHE A 261 -0.43 -2.69 19.14
CA PHE A 261 -1.83 -2.37 19.28
C PHE A 261 -2.01 -0.91 19.64
N ALA A 262 -1.22 -0.43 20.60
CA ALA A 262 -1.37 0.97 21.01
C ALA A 262 -1.14 1.88 19.83
N ILE A 263 -0.11 1.56 19.05
CA ILE A 263 0.28 2.33 17.88
C ILE A 263 -0.67 2.33 16.66
N THR A 264 -1.09 1.16 16.23
CA THR A 264 -1.95 1.03 15.08
C THR A 264 -3.34 1.45 15.40
N ILE A 265 -3.82 1.12 16.58
CA ILE A 265 -5.17 1.50 16.95
C ILE A 265 -5.25 3.02 17.10
N GLU A 266 -4.11 3.63 17.42
CA GLU A 266 -4.07 5.06 17.61
C GLU A 266 -4.21 5.71 16.24
N ALA A 267 -3.27 5.41 15.37
CA ALA A 267 -3.25 5.98 14.04
C ALA A 267 -4.63 6.04 13.39
N MET A 268 -5.37 4.95 13.45
CA MET A 268 -6.67 4.93 12.84
C MET A 268 -7.48 6.18 13.17
N LYS A 269 -7.23 6.77 14.34
CA LYS A 269 -7.97 7.96 14.76
C LYS A 269 -7.26 9.27 14.36
N SER A 270 -6.40 9.20 13.34
CA SER A 270 -5.67 10.37 12.87
C SER A 270 -6.55 11.18 11.92
N ASP A 271 -6.49 12.49 12.03
CA ASP A 271 -7.29 13.36 11.19
C ASP A 271 -6.72 13.32 9.80
N ILE A 272 -5.45 12.93 9.72
CA ILE A 272 -4.78 12.83 8.44
C ILE A 272 -5.19 11.51 7.75
N ASP A 273 -5.70 11.63 6.52
CA ASP A 273 -6.14 10.49 5.75
C ASP A 273 -5.04 9.49 5.46
N GLU A 274 -3.91 9.96 4.96
CA GLU A 274 -2.82 9.03 4.66
C GLU A 274 -2.43 8.19 5.87
N VAL A 275 -2.34 8.83 7.02
CA VAL A 275 -1.98 8.13 8.24
C VAL A 275 -3.07 7.19 8.73
N ALA A 276 -4.33 7.47 8.45
CA ALA A 276 -5.38 6.56 8.90
C ALA A 276 -5.35 5.33 8.00
N LEU A 277 -5.38 5.55 6.70
CA LEU A 277 -5.34 4.43 5.76
C LEU A 277 -4.37 3.37 6.25
N GLN A 278 -3.14 3.77 6.48
CA GLN A 278 -2.14 2.84 6.97
C GLN A 278 -2.65 2.07 8.21
N GLY A 279 -3.10 2.79 9.22
CA GLY A 279 -3.60 2.13 10.42
C GLY A 279 -4.65 1.05 10.13
N ILE A 280 -5.65 1.38 9.31
CA ILE A 280 -6.69 0.45 8.92
C ILE A 280 -6.09 -0.75 8.22
N GLU A 281 -5.28 -0.49 7.20
CA GLU A 281 -4.64 -1.57 6.46
C GLU A 281 -4.07 -2.58 7.47
N PHE A 282 -3.30 -2.09 8.44
CA PHE A 282 -2.71 -2.96 9.45
C PHE A 282 -3.76 -3.97 9.92
N TRP A 283 -4.71 -3.52 10.75
CA TRP A 283 -5.74 -4.42 11.27
C TRP A 283 -6.57 -5.07 10.17
N SER A 284 -6.52 -4.50 8.98
CA SER A 284 -7.25 -5.09 7.90
C SER A 284 -6.43 -6.31 7.49
N ASN A 285 -5.14 -6.09 7.23
CA ASN A 285 -4.23 -7.13 6.83
C ASN A 285 -4.20 -8.23 7.88
N VAL A 286 -4.25 -7.85 9.15
CA VAL A 286 -4.27 -8.81 10.24
C VAL A 286 -5.41 -9.81 10.12
N CYS A 287 -6.63 -9.34 9.82
CA CYS A 287 -7.78 -10.23 9.63
C CYS A 287 -7.42 -11.19 8.52
N ASP A 288 -7.16 -10.64 7.35
CA ASP A 288 -6.81 -11.45 6.20
C ASP A 288 -5.89 -12.60 6.63
N GLU A 289 -4.74 -12.26 7.19
CA GLU A 289 -3.78 -13.27 7.63
C GLU A 289 -4.36 -14.23 8.66
N GLU A 290 -5.14 -13.70 9.59
CA GLU A 290 -5.73 -14.50 10.65
C GLU A 290 -6.84 -15.45 10.24
N MET A 291 -7.81 -14.98 9.47
CA MET A 291 -8.88 -15.86 9.03
C MET A 291 -8.37 -16.83 7.98
N ASP A 292 -7.18 -16.54 7.48
CA ASP A 292 -6.53 -17.40 6.50
C ASP A 292 -6.01 -18.54 7.33
N LEU A 293 -5.41 -18.22 8.48
CA LEU A 293 -4.92 -19.29 9.35
C LEU A 293 -6.15 -20.08 9.78
N ALA A 294 -7.20 -19.36 10.15
CA ALA A 294 -8.46 -19.96 10.57
C ALA A 294 -8.78 -21.20 9.71
N ILE A 295 -8.39 -21.12 8.46
CA ILE A 295 -8.59 -22.21 7.53
C ILE A 295 -7.58 -23.28 7.86
N GLU A 296 -6.30 -22.97 7.80
CA GLU A 296 -5.25 -23.95 8.09
C GLU A 296 -5.71 -24.88 9.16
N ALA A 297 -6.33 -24.31 10.18
CA ALA A 297 -6.84 -25.08 11.30
C ALA A 297 -7.78 -26.19 10.87
N SER A 298 -9.00 -25.81 10.47
CA SER A 298 -10.03 -26.76 10.04
C SER A 298 -9.58 -27.76 8.99
N GLU A 299 -9.18 -27.25 7.84
CA GLU A 299 -8.73 -28.11 6.77
C GLU A 299 -7.76 -29.15 7.29
N ALA A 300 -7.06 -28.81 8.37
CA ALA A 300 -6.09 -29.72 8.98
C ALA A 300 -6.63 -30.29 10.29
N ALA A 301 -7.84 -29.90 10.66
CA ALA A 301 -8.47 -30.39 11.88
C ALA A 301 -9.32 -31.61 11.56
N GLU A 302 -10.03 -31.57 10.43
CA GLU A 302 -10.87 -32.69 10.01
C GLU A 302 -9.95 -33.86 9.68
N GLN A 303 -8.83 -33.57 9.02
CA GLN A 303 -7.87 -34.59 8.65
C GLN A 303 -7.22 -35.17 9.91
N GLY A 304 -7.52 -34.53 11.05
CA GLY A 304 -6.99 -34.96 12.34
C GLY A 304 -5.50 -34.83 12.58
N ARG A 305 -5.04 -33.62 12.86
CA ARG A 305 -3.64 -33.40 13.14
C ARG A 305 -3.36 -31.95 13.56
N PRO A 306 -2.15 -31.69 14.11
CA PRO A 306 -1.73 -30.37 14.58
C PRO A 306 -1.63 -29.39 13.43
N PRO A 307 -2.14 -28.17 13.62
CA PRO A 307 -2.06 -27.18 12.55
C PRO A 307 -0.61 -26.79 12.37
N GLU A 308 -0.12 -26.83 11.15
CA GLU A 308 1.27 -26.47 10.89
C GLU A 308 1.64 -25.22 11.68
N HIS A 309 0.89 -24.14 11.48
CA HIS A 309 1.11 -22.88 12.19
C HIS A 309 -0.18 -22.53 12.93
N THR A 310 -0.07 -21.79 14.03
CA THR A 310 -1.26 -21.44 14.80
C THR A 310 -1.53 -19.95 14.88
N SER A 311 -2.80 -19.58 14.95
CA SER A 311 -3.18 -18.18 15.04
C SER A 311 -3.08 -17.77 16.48
N LYS A 312 -3.11 -16.48 16.72
CA LYS A 312 -2.99 -15.98 18.08
C LYS A 312 -4.22 -15.20 18.47
N PHE A 313 -5.12 -15.04 17.50
CA PHE A 313 -6.40 -14.35 17.69
C PHE A 313 -6.41 -12.88 18.16
N TYR A 314 -5.75 -12.00 17.41
CA TYR A 314 -5.68 -10.56 17.73
C TYR A 314 -6.99 -9.78 17.46
N ALA A 315 -7.55 -9.98 16.28
CA ALA A 315 -8.78 -9.30 15.92
C ALA A 315 -9.81 -9.46 17.05
N LYS A 316 -9.99 -10.71 17.49
CA LYS A 316 -10.94 -11.07 18.56
C LYS A 316 -10.86 -10.13 19.76
N GLY A 317 -9.62 -9.88 20.21
CA GLY A 317 -9.44 -9.01 21.34
C GLY A 317 -9.84 -7.62 20.97
N ALA A 318 -8.91 -6.96 20.27
CA ALA A 318 -9.06 -5.59 19.82
C ALA A 318 -10.40 -5.30 19.19
N LEU A 319 -11.16 -6.35 18.87
CA LEU A 319 -12.48 -6.19 18.26
C LEU A 319 -13.24 -5.11 19.02
N GLN A 320 -13.31 -5.25 20.35
CA GLN A 320 -14.02 -4.28 21.16
C GLN A 320 -13.57 -2.86 20.86
N TYR A 321 -12.26 -2.62 20.86
CA TYR A 321 -11.71 -1.28 20.61
C TYR A 321 -11.66 -0.88 19.14
N LEU A 322 -11.84 -1.83 18.22
CA LEU A 322 -11.77 -1.52 16.79
C LEU A 322 -13.02 -0.88 16.27
N VAL A 323 -14.01 -1.73 15.98
CA VAL A 323 -15.30 -1.32 15.47
C VAL A 323 -15.65 0.14 15.77
N PRO A 324 -15.73 0.56 17.04
CA PRO A 324 -16.08 1.93 17.39
C PRO A 324 -15.11 2.96 16.85
N ILE A 325 -14.47 2.60 15.79
CA ILE A 325 -13.59 3.49 15.04
C ILE A 325 -13.86 3.37 13.54
N LEU A 326 -13.95 2.10 13.21
CA LEU A 326 -14.30 1.69 11.87
C LEU A 326 -15.63 2.33 11.50
N THR A 327 -16.57 2.21 12.43
CA THR A 327 -17.92 2.75 12.27
C THR A 327 -17.87 4.27 12.25
N GLN A 328 -17.22 4.85 13.25
CA GLN A 328 -17.13 6.31 13.33
C GLN A 328 -16.36 6.83 12.11
N THR A 329 -15.56 5.98 11.49
CA THR A 329 -14.81 6.40 10.31
C THR A 329 -15.72 6.30 9.08
N LEU A 330 -16.76 5.48 9.18
CA LEU A 330 -17.69 5.33 8.08
C LEU A 330 -18.46 6.65 7.98
N THR A 331 -17.76 7.75 8.24
CA THR A 331 -18.35 9.10 8.22
C THR A 331 -17.49 10.10 7.48
N LYS A 332 -16.18 9.88 7.50
CA LYS A 332 -15.25 10.78 6.85
C LYS A 332 -15.20 10.48 5.35
N GLN A 333 -16.37 10.61 4.72
CA GLN A 333 -16.51 10.35 3.28
C GLN A 333 -16.49 11.61 2.43
N ASP A 334 -15.85 11.49 1.28
CA ASP A 334 -15.71 12.59 0.32
C ASP A 334 -17.03 13.17 -0.20
N GLU A 335 -17.12 14.49 -0.18
CA GLU A 335 -18.31 15.21 -0.65
C GLU A 335 -18.58 14.97 -2.14
N ASN A 336 -17.74 15.54 -3.01
CA ASN A 336 -17.85 15.42 -4.46
C ASN A 336 -17.95 13.95 -4.84
N ASP A 337 -17.32 13.13 -3.99
CA ASP A 337 -17.26 11.67 -4.10
C ASP A 337 -16.74 11.14 -5.45
N ASP A 338 -15.53 10.59 -5.35
CA ASP A 338 -14.91 9.82 -6.39
C ASP A 338 -15.07 8.33 -6.14
N ASP A 339 -15.26 7.55 -7.12
CA ASP A 339 -15.61 6.14 -6.88
C ASP A 339 -14.41 5.17 -6.85
N ASP A 340 -13.24 5.59 -7.28
CA ASP A 340 -12.08 4.68 -7.31
C ASP A 340 -11.00 5.08 -6.32
N ASP A 341 -11.24 6.16 -5.60
CA ASP A 341 -10.25 6.65 -4.64
C ASP A 341 -10.21 5.77 -3.38
N TRP A 342 -9.10 5.86 -2.63
CA TRP A 342 -8.93 5.08 -1.41
C TRP A 342 -8.85 5.97 -0.18
N ASN A 343 -10.02 6.37 0.32
CA ASN A 343 -10.12 7.21 1.50
C ASN A 343 -10.68 6.35 2.61
N PRO A 344 -10.38 6.70 3.86
CA PRO A 344 -10.84 5.96 5.04
C PRO A 344 -12.26 5.42 4.97
N CYS A 345 -13.16 6.15 4.34
CA CYS A 345 -14.53 5.68 4.27
C CYS A 345 -14.58 4.27 3.70
N LYS A 346 -13.68 3.99 2.76
CA LYS A 346 -13.63 2.66 2.14
C LYS A 346 -12.89 1.67 3.03
N ALA A 347 -11.59 1.88 3.22
CA ALA A 347 -10.82 0.99 4.07
C ALA A 347 -11.68 0.57 5.26
N ALA A 348 -12.28 1.56 5.91
CA ALA A 348 -13.12 1.27 7.05
C ALA A 348 -14.21 0.28 6.72
N GLY A 349 -14.96 0.55 5.64
CA GLY A 349 -16.03 -0.33 5.22
C GLY A 349 -15.50 -1.69 4.83
N VAL A 350 -14.38 -1.69 4.12
CA VAL A 350 -13.77 -2.94 3.72
C VAL A 350 -13.34 -3.73 4.95
N CYS A 351 -12.47 -3.14 5.77
CA CYS A 351 -12.02 -3.84 6.96
C CYS A 351 -13.20 -4.17 7.82
N LEU A 352 -14.17 -3.27 7.91
CA LEU A 352 -15.32 -3.59 8.75
C LEU A 352 -15.98 -4.87 8.27
N MET A 353 -15.77 -5.22 7.00
CA MET A 353 -16.34 -6.45 6.50
C MET A 353 -15.45 -7.63 6.84
N LEU A 354 -14.21 -7.61 6.38
CA LEU A 354 -13.29 -8.69 6.69
C LEU A 354 -13.42 -9.12 8.13
N LEU A 355 -13.43 -8.16 9.04
CA LEU A 355 -13.52 -8.49 10.45
C LEU A 355 -14.79 -9.27 10.62
N ALA A 356 -15.87 -8.71 10.10
CA ALA A 356 -17.15 -9.37 10.22
C ALA A 356 -17.17 -10.81 9.71
N THR A 357 -16.16 -11.21 8.94
CA THR A 357 -16.13 -12.59 8.42
C THR A 357 -15.07 -13.45 9.11
N CYS A 358 -14.29 -12.85 9.98
CA CYS A 358 -13.25 -13.61 10.74
C CYS A 358 -13.70 -13.83 12.18
N CYS A 359 -14.16 -12.77 12.80
CA CYS A 359 -14.60 -12.79 14.21
C CYS A 359 -15.91 -13.57 14.36
N GLU A 360 -16.69 -13.58 13.29
CA GLU A 360 -17.97 -14.29 13.28
C GLU A 360 -18.93 -13.70 14.29
N ASP A 361 -19.88 -14.54 14.70
CA ASP A 361 -20.99 -14.21 15.61
C ASP A 361 -20.58 -13.37 16.84
N ASP A 362 -19.40 -12.79 16.81
CA ASP A 362 -18.94 -11.96 17.94
C ASP A 362 -19.09 -10.49 17.59
N ILE A 363 -19.17 -10.22 16.30
CA ILE A 363 -19.26 -8.85 15.82
C ILE A 363 -20.67 -8.27 15.93
N VAL A 364 -21.65 -9.12 15.68
CA VAL A 364 -23.07 -8.71 15.70
C VAL A 364 -23.36 -7.74 16.83
N PRO A 365 -23.00 -8.11 18.07
CA PRO A 365 -23.25 -7.22 19.21
C PRO A 365 -22.48 -5.88 19.22
N HIS A 366 -21.18 -5.90 18.93
CA HIS A 366 -20.38 -4.67 18.94
C HIS A 366 -20.78 -3.63 17.89
N VAL A 367 -21.54 -4.04 16.87
CA VAL A 367 -21.96 -3.11 15.81
C VAL A 367 -23.40 -2.59 15.91
N LEU A 368 -24.32 -3.46 16.29
CA LEU A 368 -25.72 -3.05 16.42
C LEU A 368 -25.95 -1.69 17.07
N PRO A 369 -25.54 -1.53 18.35
CA PRO A 369 -25.73 -0.26 19.06
C PRO A 369 -25.36 1.00 18.29
N PHE A 370 -24.69 0.85 17.14
CA PHE A 370 -24.29 2.02 16.37
C PHE A 370 -25.31 2.34 15.30
N ILE A 371 -25.97 1.30 14.84
CA ILE A 371 -26.99 1.38 13.81
C ILE A 371 -28.25 1.97 14.40
N LYS A 372 -28.76 1.34 15.45
CA LYS A 372 -29.94 1.81 16.14
C LYS A 372 -29.67 3.25 16.57
N GLU A 373 -28.43 3.50 17.00
CA GLU A 373 -28.04 4.83 17.46
C GLU A 373 -27.77 5.87 16.36
N HIS A 374 -27.91 5.50 15.09
CA HIS A 374 -27.65 6.46 14.01
C HIS A 374 -28.56 6.33 12.78
N ILE A 375 -29.69 5.68 12.99
CA ILE A 375 -30.67 5.46 11.94
C ILE A 375 -31.53 6.72 11.75
N LYS A 376 -31.43 7.66 12.68
CA LYS A 376 -32.24 8.87 12.60
C LYS A 376 -31.45 10.18 12.58
N ASN A 377 -30.18 10.13 12.97
CA ASN A 377 -29.33 11.31 12.99
C ASN A 377 -29.53 12.23 11.77
N PRO A 378 -29.52 13.56 12.00
CA PRO A 378 -29.68 14.59 10.97
C PRO A 378 -28.66 14.43 9.84
N ASP A 379 -27.38 14.60 10.20
CA ASP A 379 -26.27 14.48 9.26
C ASP A 379 -26.35 13.12 8.57
N TRP A 380 -26.63 13.14 7.27
CA TRP A 380 -26.73 11.90 6.50
C TRP A 380 -25.52 11.02 6.76
N ARG A 381 -24.35 11.65 6.90
CA ARG A 381 -23.10 10.95 7.17
C ARG A 381 -23.24 9.86 8.24
N TYR A 382 -23.64 10.23 9.45
CA TYR A 382 -23.83 9.24 10.51
C TYR A 382 -25.02 8.31 10.19
N ARG A 383 -25.67 8.53 9.05
CA ARG A 383 -26.82 7.72 8.72
C ARG A 383 -26.48 6.59 7.80
N ASP A 384 -25.89 6.92 6.65
CA ASP A 384 -25.52 5.90 5.67
C ASP A 384 -24.54 4.92 6.29
N ALA A 385 -23.77 5.40 7.27
CA ALA A 385 -22.81 4.57 7.97
C ALA A 385 -23.61 3.48 8.66
N ALA A 386 -24.70 3.88 9.28
CA ALA A 386 -25.58 2.95 9.95
C ALA A 386 -25.98 1.83 9.02
N VAL A 387 -26.41 2.22 7.83
CA VAL A 387 -26.83 1.28 6.80
C VAL A 387 -25.63 0.45 6.40
N MET A 388 -24.64 1.12 5.83
CA MET A 388 -23.44 0.48 5.37
C MET A 388 -22.96 -0.60 6.33
N ALA A 389 -22.87 -0.27 7.60
CA ALA A 389 -22.38 -1.25 8.58
C ALA A 389 -23.28 -2.48 8.65
N PHE A 390 -24.58 -2.26 8.46
CA PHE A 390 -25.51 -3.37 8.49
C PHE A 390 -25.25 -4.20 7.25
N GLY A 391 -24.86 -3.51 6.17
CA GLY A 391 -24.58 -4.19 4.93
C GLY A 391 -23.33 -5.03 5.06
N CYS A 392 -22.26 -4.45 5.58
CA CYS A 392 -21.00 -5.18 5.74
C CYS A 392 -21.13 -6.49 6.48
N ILE A 393 -21.59 -6.39 7.73
CA ILE A 393 -21.74 -7.55 8.60
C ILE A 393 -22.69 -8.67 8.23
N LEU A 394 -22.90 -8.92 6.93
CA LEU A 394 -23.82 -9.99 6.50
C LEU A 394 -23.13 -11.23 6.01
N GLU A 395 -21.82 -11.22 6.02
CA GLU A 395 -21.04 -12.37 5.60
C GLU A 395 -20.35 -12.84 6.87
N GLY A 396 -20.22 -14.15 7.05
CA GLY A 396 -19.58 -14.65 8.25
C GLY A 396 -20.64 -15.09 9.21
N PRO A 397 -21.28 -14.17 9.96
CA PRO A 397 -22.32 -14.51 10.93
C PRO A 397 -23.29 -15.58 10.46
N GLU A 398 -23.78 -16.39 11.40
CA GLU A 398 -24.72 -17.45 11.10
C GLU A 398 -26.09 -16.84 10.88
N PRO A 399 -26.73 -17.13 9.74
CA PRO A 399 -28.05 -16.64 9.38
C PRO A 399 -29.09 -16.84 10.48
N SER A 400 -28.93 -17.91 11.25
CA SER A 400 -29.86 -18.20 12.34
C SER A 400 -29.77 -17.14 13.43
N GLN A 401 -29.24 -15.98 13.07
CA GLN A 401 -29.10 -14.86 13.99
C GLN A 401 -29.00 -13.55 13.21
N LEU A 402 -29.33 -13.62 11.93
CA LEU A 402 -29.33 -12.43 11.08
C LEU A 402 -30.77 -12.29 10.56
N LYS A 403 -31.31 -13.40 10.06
CA LYS A 403 -32.66 -13.45 9.54
C LYS A 403 -33.55 -12.65 10.48
N PRO A 404 -33.53 -13.00 11.78
CA PRO A 404 -34.37 -12.27 12.73
C PRO A 404 -33.98 -10.80 12.76
N LEU A 405 -32.68 -10.54 12.81
CA LEU A 405 -32.19 -9.19 12.86
C LEU A 405 -32.72 -8.33 11.73
N VAL A 406 -32.42 -8.71 10.49
CA VAL A 406 -32.88 -7.96 9.33
C VAL A 406 -34.35 -7.55 9.37
N ILE A 407 -35.22 -8.56 9.44
CA ILE A 407 -36.67 -8.35 9.47
C ILE A 407 -37.07 -7.09 10.24
N GLN A 408 -36.54 -6.89 11.44
CA GLN A 408 -36.93 -5.70 12.18
C GLN A 408 -36.52 -4.43 11.48
N ALA A 409 -35.38 -4.45 10.80
CA ALA A 409 -34.89 -3.28 10.10
C ALA A 409 -35.42 -3.24 8.68
N MET A 410 -35.48 -4.41 8.06
CA MET A 410 -35.95 -4.57 6.69
C MET A 410 -36.97 -3.46 6.30
N PRO A 411 -38.01 -3.26 7.13
CA PRO A 411 -39.02 -2.23 6.88
C PRO A 411 -38.47 -0.83 6.91
N THR A 412 -37.87 -0.46 8.04
CA THR A 412 -37.30 0.88 8.17
C THR A 412 -36.07 1.05 7.28
N LEU A 413 -35.83 0.05 6.44
CA LEU A 413 -34.72 0.07 5.49
C LEU A 413 -35.33 0.55 4.18
N ILE A 414 -36.51 0.02 3.87
CA ILE A 414 -37.26 0.38 2.65
C ILE A 414 -37.46 1.90 2.66
N GLU A 415 -37.94 2.41 3.79
CA GLU A 415 -38.16 3.84 3.94
C GLU A 415 -36.89 4.64 3.67
N LEU A 416 -35.74 3.98 3.82
CA LEU A 416 -34.47 4.65 3.58
C LEU A 416 -34.18 4.71 2.10
N MET A 417 -34.95 3.99 1.31
CA MET A 417 -34.75 4.01 -0.13
C MET A 417 -34.82 5.44 -0.64
N LYS A 418 -35.90 6.12 -0.32
CA LYS A 418 -36.10 7.51 -0.73
C LYS A 418 -35.84 8.46 0.42
N ASP A 419 -34.68 8.30 1.04
CA ASP A 419 -34.25 9.11 2.17
C ASP A 419 -33.74 10.39 1.53
N PRO A 420 -34.24 11.56 1.97
CA PRO A 420 -33.83 12.86 1.44
C PRO A 420 -32.36 13.01 1.06
N SER A 421 -31.49 12.22 1.68
CA SER A 421 -30.07 12.29 1.37
C SER A 421 -29.77 11.29 0.29
N VAL A 422 -29.06 11.75 -0.73
CA VAL A 422 -28.69 10.92 -1.86
C VAL A 422 -27.77 9.75 -1.55
N VAL A 423 -26.92 9.92 -0.55
CA VAL A 423 -25.99 8.86 -0.16
C VAL A 423 -26.72 7.76 0.64
N VAL A 424 -27.60 8.15 1.54
CA VAL A 424 -28.38 7.19 2.30
C VAL A 424 -29.09 6.26 1.33
N ARG A 425 -29.64 6.84 0.25
CA ARG A 425 -30.34 6.09 -0.80
C ARG A 425 -29.43 5.00 -1.35
N ASP A 426 -28.45 5.45 -2.14
CA ASP A 426 -27.50 4.56 -2.75
C ASP A 426 -27.07 3.40 -1.85
N THR A 427 -26.64 3.71 -0.64
CA THR A 427 -26.19 2.69 0.30
C THR A 427 -27.33 1.76 0.69
N ALA A 428 -28.50 2.35 0.94
CA ALA A 428 -29.68 1.59 1.32
C ALA A 428 -30.03 0.63 0.20
N ALA A 429 -29.76 1.04 -1.03
CA ALA A 429 -30.04 0.20 -2.17
C ALA A 429 -29.02 -0.95 -2.22
N TRP A 430 -27.76 -0.60 -1.99
CA TRP A 430 -26.69 -1.59 -2.00
C TRP A 430 -26.92 -2.68 -0.94
N THR A 431 -27.25 -2.27 0.29
CA THR A 431 -27.51 -3.26 1.34
C THR A 431 -28.56 -4.22 0.83
N VAL A 432 -29.77 -3.72 0.61
CA VAL A 432 -30.85 -4.56 0.11
C VAL A 432 -30.34 -5.68 -0.76
N GLY A 433 -29.57 -5.32 -1.78
CA GLY A 433 -29.05 -6.34 -2.68
C GLY A 433 -28.25 -7.39 -1.94
N ARG A 434 -27.41 -6.91 -1.03
CA ARG A 434 -26.54 -7.76 -0.24
C ARG A 434 -27.40 -8.61 0.70
N ILE A 435 -28.61 -8.14 0.98
CA ILE A 435 -29.51 -8.87 1.83
C ILE A 435 -30.29 -9.90 1.03
N CYS A 436 -30.09 -9.91 -0.29
CA CYS A 436 -30.81 -10.87 -1.12
C CYS A 436 -29.82 -11.95 -1.52
N GLU A 437 -28.58 -11.51 -1.76
CA GLU A 437 -27.47 -12.40 -2.13
C GLU A 437 -27.05 -13.33 -1.00
N LEU A 438 -26.83 -12.77 0.18
CA LEU A 438 -26.43 -13.55 1.34
C LEU A 438 -27.60 -14.31 1.91
N LEU A 439 -28.59 -13.56 2.36
CA LEU A 439 -29.81 -14.12 2.96
C LEU A 439 -31.02 -14.05 2.03
N PRO A 440 -31.36 -15.17 1.35
CA PRO A 440 -32.50 -15.16 0.44
C PRO A 440 -33.85 -15.25 1.14
N GLU A 441 -33.99 -16.23 2.02
CA GLU A 441 -35.23 -16.46 2.74
C GLU A 441 -35.76 -15.19 3.44
N ALA A 442 -35.07 -14.76 4.49
CA ALA A 442 -35.47 -13.59 5.29
C ALA A 442 -35.77 -12.32 4.51
N ALA A 443 -35.74 -12.38 3.18
CA ALA A 443 -36.04 -11.21 2.36
C ALA A 443 -37.44 -11.36 1.77
N ILE A 444 -37.72 -12.55 1.24
CA ILE A 444 -39.01 -12.88 0.64
C ILE A 444 -40.06 -13.12 1.73
N ASN A 445 -40.45 -12.05 2.39
CA ASN A 445 -41.43 -12.16 3.46
C ASN A 445 -42.68 -11.31 3.22
N ASP A 446 -43.80 -12.01 3.03
CA ASP A 446 -45.11 -11.41 2.80
C ASP A 446 -45.34 -10.12 3.59
N VAL A 447 -45.04 -10.18 4.89
CA VAL A 447 -45.19 -9.05 5.77
C VAL A 447 -44.66 -7.76 5.16
N TYR A 448 -43.58 -7.88 4.38
CA TYR A 448 -42.98 -6.71 3.74
C TYR A 448 -42.44 -7.01 2.34
N LEU A 449 -42.98 -8.04 1.71
CA LEU A 449 -42.59 -8.40 0.36
C LEU A 449 -43.26 -7.44 -0.61
N ALA A 450 -44.59 -7.41 -0.51
CA ALA A 450 -45.42 -6.54 -1.34
C ALA A 450 -44.90 -5.10 -1.29
N PRO A 451 -44.60 -4.60 -0.09
CA PRO A 451 -44.10 -3.23 -0.02
C PRO A 451 -42.65 -3.17 -0.48
N LEU A 452 -42.00 -4.34 -0.51
CA LEU A 452 -40.62 -4.39 -0.94
C LEU A 452 -40.55 -4.12 -2.42
N LEU A 453 -40.73 -5.18 -3.21
CA LEU A 453 -40.66 -5.10 -4.66
C LEU A 453 -41.13 -3.77 -5.24
N GLN A 454 -42.29 -3.29 -4.77
CA GLN A 454 -42.84 -2.03 -5.26
C GLN A 454 -41.93 -0.82 -5.03
N CYS A 455 -40.81 -1.03 -4.36
CA CYS A 455 -39.87 0.06 -4.10
C CYS A 455 -38.60 -0.20 -4.90
N LEU A 456 -38.37 -1.47 -5.21
CA LEU A 456 -37.20 -1.88 -5.98
C LEU A 456 -37.44 -1.45 -7.43
N ILE A 457 -38.67 -1.67 -7.87
CA ILE A 457 -39.08 -1.29 -9.21
C ILE A 457 -38.80 0.21 -9.27
N GLU A 458 -39.43 0.94 -8.35
CA GLU A 458 -39.29 2.39 -8.26
C GLU A 458 -37.83 2.80 -8.37
N GLY A 459 -36.94 1.89 -8.02
CA GLY A 459 -35.52 2.20 -8.08
C GLY A 459 -34.93 2.07 -9.48
N LEU A 460 -35.57 1.26 -10.33
CA LEU A 460 -35.08 1.05 -11.69
C LEU A 460 -34.92 2.36 -12.47
N SER A 461 -35.79 3.33 -12.21
CA SER A 461 -35.70 4.60 -12.92
C SER A 461 -34.92 5.62 -12.13
N ALA A 462 -34.06 5.14 -11.23
CA ALA A 462 -33.26 6.04 -10.40
C ALA A 462 -31.86 6.21 -10.98
N GLU A 463 -30.88 6.45 -10.10
CA GLU A 463 -29.50 6.64 -10.53
C GLU A 463 -28.97 5.31 -11.01
N PRO A 464 -27.96 5.33 -11.90
CA PRO A 464 -27.34 4.12 -12.44
C PRO A 464 -27.04 3.12 -11.33
N ARG A 465 -25.96 3.37 -10.60
CA ARG A 465 -25.53 2.51 -9.49
C ARG A 465 -26.72 1.85 -8.78
N VAL A 466 -27.58 2.66 -8.17
CA VAL A 466 -28.74 2.14 -7.48
C VAL A 466 -29.47 1.13 -8.33
N ALA A 467 -29.94 1.56 -9.49
CA ALA A 467 -30.65 0.65 -10.39
C ALA A 467 -29.74 -0.53 -10.64
N SER A 468 -28.51 -0.25 -11.02
CA SER A 468 -27.54 -1.30 -11.31
C SER A 468 -27.21 -2.03 -10.03
N ASN A 469 -28.13 -1.99 -9.08
CA ASN A 469 -27.91 -2.67 -7.81
C ASN A 469 -29.17 -3.47 -7.53
N VAL A 470 -30.33 -2.86 -7.79
CA VAL A 470 -31.59 -3.56 -7.59
C VAL A 470 -31.46 -4.86 -8.38
N CYS A 471 -30.63 -4.83 -9.42
CA CYS A 471 -30.38 -6.01 -10.21
C CYS A 471 -29.64 -7.04 -9.35
N TRP A 472 -28.49 -6.66 -8.79
CA TRP A 472 -27.70 -7.57 -7.93
C TRP A 472 -28.73 -8.26 -7.04
N ALA A 473 -29.89 -7.62 -6.89
CA ALA A 473 -30.96 -8.14 -6.03
C ALA A 473 -31.97 -9.05 -6.73
N PHE A 474 -32.66 -8.52 -7.74
CA PHE A 474 -33.64 -9.30 -8.45
C PHE A 474 -32.98 -10.59 -8.94
N SER A 475 -31.79 -10.45 -9.50
CA SER A 475 -31.04 -11.61 -9.97
C SER A 475 -30.98 -12.61 -8.84
N SER A 476 -30.25 -12.27 -7.79
CA SER A 476 -30.09 -13.13 -6.63
C SER A 476 -31.38 -13.84 -6.22
N LEU A 477 -32.44 -13.07 -6.01
CA LEU A 477 -33.71 -13.65 -5.59
C LEU A 477 -34.14 -14.79 -6.50
N ALA A 478 -33.98 -14.58 -7.81
CA ALA A 478 -34.34 -15.60 -8.79
C ALA A 478 -33.52 -16.87 -8.61
N GLU A 479 -32.19 -16.72 -8.56
CA GLU A 479 -31.30 -17.86 -8.40
C GLU A 479 -31.71 -18.65 -7.17
N ALA A 480 -32.17 -17.93 -6.14
CA ALA A 480 -32.62 -18.54 -4.89
C ALA A 480 -33.83 -19.43 -5.11
N ALA A 481 -34.41 -19.32 -6.30
CA ALA A 481 -35.58 -20.11 -6.67
C ALA A 481 -35.14 -21.35 -7.41
N TYR A 482 -34.22 -21.20 -8.36
CA TYR A 482 -33.74 -22.34 -9.11
C TYR A 482 -32.94 -23.28 -8.20
N GLU A 483 -32.66 -22.82 -6.99
CA GLU A 483 -31.89 -23.59 -6.00
C GLU A 483 -32.84 -24.37 -5.12
N ALA A 484 -34.04 -23.82 -4.89
CA ALA A 484 -35.03 -24.49 -4.08
C ALA A 484 -35.74 -25.55 -4.94
N ALA A 485 -35.09 -25.93 -6.04
CA ALA A 485 -35.61 -26.93 -6.96
C ALA A 485 -34.71 -27.14 -8.20
N TYR B 1 11.49 12.99 -10.16
CA TYR B 1 10.26 13.56 -10.82
C TYR B 1 9.02 12.62 -10.80
N LEU B 2 9.32 11.34 -10.72
CA LEU B 2 8.35 10.21 -10.78
C LEU B 2 8.97 9.10 -9.91
N THR B 3 10.08 9.56 -9.33
CA THR B 3 11.04 8.81 -8.48
C THR B 3 10.77 7.30 -8.35
N GLN B 4 10.29 6.89 -7.17
CA GLN B 4 10.07 5.45 -6.85
C GLN B 4 8.59 5.13 -6.54
N GLU B 5 8.19 5.33 -5.29
CA GLU B 5 6.80 4.99 -4.88
C GLU B 5 6.34 5.72 -3.61
N THR B 6 5.27 5.15 -3.07
CA THR B 6 4.56 5.55 -1.84
C THR B 6 3.59 4.42 -1.50
N ASN B 7 3.64 3.49 -2.44
CA ASN B 7 2.84 2.27 -2.53
C ASN B 7 2.45 1.69 -1.16
N LYS B 8 1.24 1.20 -1.24
CA LYS B 8 0.45 0.58 -0.19
C LYS B 8 -1.01 0.72 -0.63
N VAL B 9 -1.52 -0.38 -1.12
CA VAL B 9 -2.90 -0.52 -1.62
C VAL B 9 -3.45 -1.88 -1.13
N GLU B 10 -4.76 -2.08 -1.29
CA GLU B 10 -5.38 -3.37 -0.86
C GLU B 10 -6.93 -3.30 -0.93
N THR B 11 -7.50 -4.48 -0.81
CA THR B 11 -8.97 -4.72 -0.77
C THR B 11 -9.13 -6.12 -1.31
N TYR B 12 -9.21 -7.04 -0.38
CA TYR B 12 -9.10 -8.45 -0.72
C TYR B 12 -10.36 -9.13 -1.23
N LYS B 13 -10.08 -9.75 -2.37
CA LYS B 13 -11.01 -10.49 -3.22
C LYS B 13 -11.68 -9.48 -4.13
N GLU B 14 -10.96 -9.14 -5.19
CA GLU B 14 -11.39 -8.13 -6.17
C GLU B 14 -10.93 -6.78 -5.64
N GLN B 15 -9.63 -6.72 -5.53
CA GLN B 15 -8.93 -5.57 -4.98
C GLN B 15 -9.40 -4.23 -5.54
N PRO B 16 -8.45 -3.41 -6.02
CA PRO B 16 -8.74 -2.05 -6.46
C PRO B 16 -9.73 -1.96 -7.59
N LEU B 17 -10.99 -2.26 -7.30
CA LEU B 17 -12.06 -2.18 -8.33
C LEU B 17 -13.10 -1.11 -7.96
N LYS B 18 -13.24 -0.93 -6.66
CA LYS B 18 -14.19 0.04 -6.09
C LYS B 18 -15.56 -0.62 -5.85
N THR B 19 -16.58 0.23 -5.92
CA THR B 19 -18.00 -0.12 -5.68
C THR B 19 -18.19 -0.39 -4.18
N PRO B 20 -19.41 -0.68 -3.69
CA PRO B 20 -19.61 -0.63 -2.22
C PRO B 20 -18.90 -1.82 -1.66
N GLY B 21 -18.96 -2.91 -2.34
CA GLY B 21 -18.30 -4.10 -1.86
C GLY B 21 -18.46 -5.24 -2.80
N LYS B 22 -17.91 -6.43 -2.52
CA LYS B 22 -17.99 -7.57 -3.48
C LYS B 22 -18.87 -8.75 -3.09
N LYS B 23 -18.56 -9.92 -3.66
CA LYS B 23 -19.33 -11.16 -3.42
C LYS B 23 -18.59 -12.18 -2.51
N LYS B 24 -19.35 -13.20 -2.11
CA LYS B 24 -18.89 -14.27 -1.17
C LYS B 24 -17.76 -15.14 -1.74
N LYS B 25 -17.15 -15.87 -0.79
CA LYS B 25 -15.99 -16.77 -1.01
C LYS B 25 -16.24 -18.08 -0.15
N GLY B 26 -16.16 -19.25 -0.81
CA GLY B 26 -16.74 -20.52 -0.25
C GLY B 26 -15.70 -21.70 -0.38
N LYS B 27 -16.07 -22.90 0.15
CA LYS B 27 -15.07 -24.03 0.28
C LYS B 27 -15.37 -25.43 -0.39
N PRO B 28 -15.03 -26.53 0.40
CA PRO B 28 -15.00 -27.99 -0.05
C PRO B 28 -16.34 -28.63 -0.45
#